data_9VNN
#
_entry.id   9VNN
#
_entity_poly.entity_id   1
_entity_poly.type   'polypeptide(L)'
_entity_poly.pdbx_seq_one_letter_code
;G(3FB)GGNDN(3FB)G
;
_entity_poly.pdbx_strand_id   G,A,B,C,D,E,F,N,H,I,J,K,L,M,a,O,Q,S,U,W,Y,o,c,e,g,i,k,m,b,P,R,T,V,X,Z,p,d,f,h,j,l,n
#
# COMPACT_ATOMS: atom_id res chain seq x y z
N GLY A 1 9.76 -16.05 -21.06
CA GLY A 1 11.09 -16.36 -20.49
C GLY A 1 11.14 -16.14 -19.00
N GLY A 3 9.18 -15.63 -16.27
CA GLY A 3 8.36 -14.38 -16.07
C GLY A 3 7.11 -14.47 -16.92
N GLY A 4 6.83 -13.36 -17.61
CA GLY A 4 5.69 -13.14 -18.51
C GLY A 4 5.89 -11.78 -19.15
N ASN A 5 5.55 -11.64 -20.43
CA ASN A 5 5.80 -10.35 -21.13
C ASN A 5 4.50 -9.52 -21.15
N ASP A 6 4.60 -8.24 -20.81
CA ASP A 6 3.45 -7.31 -20.87
C ASP A 6 3.60 -6.48 -22.15
N ASN A 7 2.79 -6.82 -23.17
CA ASN A 7 2.76 -6.12 -24.48
C ASN A 7 1.45 -5.36 -24.65
N GLY A 9 0.08 -2.09 -23.42
CA GLY A 9 -0.16 -1.92 -21.98
C GLY A 9 1.08 -2.23 -21.16
N GLY B 1 -1.52 1.30 -5.22
CA GLY B 1 -1.39 0.48 -6.43
C GLY B 1 -1.39 -1.01 -6.09
N GLY B 3 -0.06 -3.26 -3.86
CA GLY B 3 -0.42 -3.12 -2.43
C GLY B 3 -1.79 -2.45 -2.42
N GLY B 4 -2.72 -3.01 -1.64
CA GLY B 4 -4.10 -2.50 -1.48
C GLY B 4 -4.15 -1.03 -1.13
N ASN B 5 -5.10 -0.30 -1.70
CA ASN B 5 -5.26 1.16 -1.43
C ASN B 5 -6.00 1.34 -0.11
N ASP B 6 -5.94 2.55 0.46
CA ASP B 6 -6.62 2.82 1.76
C ASP B 6 -7.47 4.09 1.66
N ASN B 7 -8.78 3.94 1.42
CA ASN B 7 -9.70 5.11 1.33
C ASN B 7 -10.42 5.26 2.68
N GLY B 9 -10.53 7.40 5.17
CA GLY B 9 -9.33 7.72 5.97
C GLY B 9 -8.49 6.46 5.85
N GLY C 1 -3.09 -1.34 -18.56
CA GLY C 1 -2.11 -0.28 -18.26
C GLY C 1 -2.68 0.79 -17.36
N GLY C 3 -5.99 1.98 -15.89
CA GLY C 3 -7.01 2.62 -16.75
C GLY C 3 -7.00 1.96 -18.12
N GLY C 4 -8.17 1.81 -18.74
CA GLY C 4 -8.27 1.15 -20.06
C GLY C 4 -7.28 1.68 -21.07
N ASN C 5 -6.63 0.77 -21.81
CA ASN C 5 -5.64 1.15 -22.87
C ASN C 5 -6.40 1.45 -24.17
N ASP C 6 -5.71 2.00 -25.18
CA ASP C 6 -6.41 2.31 -26.45
C ASP C 6 -5.60 1.74 -27.61
N ASN C 7 -5.85 0.48 -27.98
CA ASN C 7 -5.11 -0.19 -29.09
C ASN C 7 -5.86 -0.07 -30.43
N GLY C 9 -5.76 2.19 -33.30
CA GLY C 9 -6.24 3.57 -33.09
C GLY C 9 -6.86 3.75 -31.72
N GLY D 1 -15.35 7.50 -21.84
CA GLY D 1 -15.17 6.65 -23.03
C GLY D 1 -13.70 6.44 -23.33
N GLY D 3 -11.19 3.51 -23.21
CA GLY D 3 -10.75 2.79 -22.01
C GLY D 3 -11.41 3.32 -20.75
N GLY D 4 -11.82 2.43 -19.84
CA GLY D 4 -12.48 2.82 -18.59
C GLY D 4 -11.53 3.53 -17.66
N ASN D 5 -12.03 3.92 -16.47
CA ASN D 5 -11.24 4.61 -15.42
C ASN D 5 -11.14 3.78 -14.13
N ASP D 6 -10.21 4.14 -13.25
CA ASP D 6 -10.04 3.42 -11.95
C ASP D 6 -10.37 4.40 -10.81
N ASN D 7 -11.61 4.36 -10.33
CA ASN D 7 -12.05 5.26 -9.23
C ASN D 7 -12.15 4.36 -7.99
N GLY D 9 -9.54 2.38 -5.58
CA GLY D 9 -8.68 1.29 -6.07
C GLY D 9 -7.76 1.70 -7.20
N GLY E 1 6.99 -6.45 -10.58
CA GLY E 1 7.20 -6.14 -12.01
C GLY E 1 5.93 -6.32 -12.81
N GLY E 3 5.08 -6.77 -16.18
CA GLY E 3 5.65 -7.98 -16.80
C GLY E 3 5.90 -8.96 -15.66
N GLY E 4 6.21 -10.22 -15.99
CA GLY E 4 6.39 -11.31 -15.01
C GLY E 4 7.78 -11.18 -14.38
N ASN E 5 7.87 -11.54 -13.10
CA ASN E 5 9.11 -11.57 -12.29
C ASN E 5 9.60 -13.02 -12.14
N ASP E 6 10.82 -13.18 -11.61
CA ASP E 6 11.50 -14.47 -11.33
C ASP E 6 11.78 -14.58 -9.83
N ASN E 7 11.23 -15.61 -9.17
CA ASN E 7 11.42 -15.79 -7.71
C ASN E 7 12.15 -17.11 -7.47
N GLY E 9 16.03 -18.61 -7.03
CA GLY E 9 16.92 -18.70 -8.21
C GLY E 9 16.98 -20.08 -8.86
N GLY F 1 0.71 -0.32 -40.56
CA GLY F 1 1.89 -0.98 -39.96
C GLY F 1 1.77 -2.50 -39.92
N GLY F 3 4.28 -5.78 -39.44
CA GLY F 3 5.33 -6.52 -40.18
C GLY F 3 6.03 -7.78 -39.71
N GLY F 4 6.01 -8.83 -40.54
CA GLY F 4 6.66 -10.12 -40.21
C GLY F 4 5.94 -11.25 -39.48
N ASN F 5 6.66 -11.90 -38.56
CA ASN F 5 6.12 -13.01 -37.74
C ASN F 5 6.62 -12.77 -36.31
N ASP F 6 5.76 -12.22 -35.45
CA ASP F 6 6.17 -11.87 -34.07
C ASP F 6 5.77 -13.01 -33.12
N ASN F 7 6.67 -13.33 -32.18
CA ASN F 7 6.47 -14.41 -31.19
C ASN F 7 6.46 -13.80 -29.79
N GLY F 9 6.17 -13.75 -26.11
CA GLY F 9 6.23 -15.20 -25.79
C GLY F 9 7.33 -15.43 -24.79
N GLY G 1 -19.66 17.22 1.71
CA GLY G 1 -18.66 16.52 0.89
C GLY G 1 -19.31 15.53 -0.06
N GLY G 3 -20.40 15.60 -2.85
CA GLY G 3 -21.36 16.65 -3.23
C GLY G 3 -21.35 17.16 -4.67
N GLY G 4 -22.50 17.08 -5.34
CA GLY G 4 -22.66 17.57 -6.72
C GLY G 4 -23.04 16.44 -7.66
N ASN G 5 -23.31 16.77 -8.93
CA ASN G 5 -23.70 15.75 -9.94
C ASN G 5 -22.44 15.14 -10.56
N ASP G 6 -21.68 14.37 -9.77
CA ASP G 6 -20.43 13.72 -10.23
C ASP G 6 -20.77 12.40 -10.93
N ASN G 7 -19.85 11.89 -11.76
CA ASN G 7 -20.10 10.64 -12.53
C ASN G 7 -18.77 9.95 -12.89
N GLY G 9 -15.75 7.81 -14.63
CA GLY G 9 -15.87 8.23 -16.04
C GLY G 9 -17.26 8.50 -16.58
N GLY H 1 -18.37 7.05 21.12
CA GLY H 1 -18.71 8.39 20.61
C GLY H 1 -18.48 8.49 19.11
N GLY H 3 -17.87 6.64 16.32
CA GLY H 3 -16.60 5.88 16.12
C GLY H 3 -16.65 4.60 16.92
N GLY H 4 -15.54 4.33 17.62
CA GLY H 4 -15.30 3.16 18.48
C GLY H 4 -13.96 3.39 19.15
N ASN H 5 -13.81 3.01 20.42
CA ASN H 5 -12.54 3.27 21.14
C ASN H 5 -11.68 2.00 21.13
N ASP H 6 -10.39 2.15 20.80
CA ASP H 6 -9.42 1.03 20.84
C ASP H 6 -8.62 1.17 22.14
N ASN H 7 -8.94 0.31 23.12
CA ASN H 7 -8.26 0.27 24.44
C ASN H 7 -7.45 -1.04 24.57
N GLY H 9 -4.13 -2.26 23.35
CA GLY H 9 -3.93 -2.45 21.89
C GLY H 9 -4.27 -1.18 21.12
N GLY I 1 -0.47 -3.13 5.14
CA GLY I 1 -1.32 -3.07 6.35
C GLY I 1 -2.80 -3.11 6.00
N GLY I 3 -5.07 -1.76 3.78
CA GLY I 3 -4.90 -2.08 2.34
C GLY I 3 -4.19 -3.43 2.30
N GLY I 4 -4.70 -4.34 1.47
CA GLY I 4 -4.15 -5.70 1.28
C GLY I 4 -2.67 -5.69 0.93
N ASN I 5 -1.92 -6.64 1.49
CA ASN I 5 -0.45 -6.74 1.24
C ASN I 5 -0.22 -7.44 -0.12
N ASP I 6 0.98 -7.32 -0.67
CA ASP I 6 1.29 -7.94 -1.99
C ASP I 6 2.59 -8.75 -1.89
N ASN I 7 2.48 -10.07 -1.69
CA ASN I 7 3.66 -10.95 -1.62
C ASN I 7 3.87 -11.62 -2.99
N GLY I 9 6.03 -11.57 -5.46
CA GLY I 9 6.33 -10.34 -6.23
C GLY I 9 5.04 -9.56 -6.08
N GLY J 1 -3.22 -5.23 18.39
CA GLY J 1 -2.19 -4.20 18.14
C GLY J 1 -1.09 -4.72 17.23
N GLY J 3 0.22 -7.93 15.67
CA GLY J 3 0.89 -8.96 16.50
C GLY J 3 0.21 -9.02 17.86
N GLY J 4 0.09 -10.21 18.45
CA GLY J 4 -0.58 -10.38 19.74
C GLY J 4 -0.10 -9.40 20.81
N ASN J 5 -1.03 -8.80 21.56
CA ASN J 5 -0.70 -7.85 22.64
C ASN J 5 -0.39 -8.64 23.93
N ASP J 6 0.13 -7.97 24.96
CA ASP J 6 0.45 -8.69 26.21
C ASP J 6 -0.16 -7.94 27.40
N ASN J 7 -1.42 -8.25 27.73
CA ASN J 7 -2.13 -7.56 28.86
C ASN J 7 -2.00 -8.36 30.17
N GLY J 9 0.22 -8.28 33.08
CA GLY J 9 1.63 -8.71 32.86
C GLY J 9 1.83 -9.27 31.48
N GLY K 1 5.97 -17.31 21.37
CA GLY K 1 5.10 -17.19 22.55
C GLY K 1 4.85 -15.74 22.91
N GLY K 3 1.83 -13.33 22.83
CA GLY K 3 1.11 -12.87 21.62
C GLY K 3 1.68 -13.47 20.36
N GLY K 4 0.81 -13.87 19.43
CA GLY K 4 1.25 -14.48 18.16
C GLY K 4 1.93 -13.47 17.26
N ASN K 5 2.35 -13.92 16.07
CA ASN K 5 3.03 -13.07 15.06
C ASN K 5 2.22 -12.97 13.77
N ASP K 6 2.55 -11.99 12.92
CA ASP K 6 1.84 -11.81 11.62
C ASP K 6 2.83 -12.06 10.48
N ASN K 7 2.86 -13.29 9.95
CA ASN K 7 3.79 -13.65 8.84
C ASN K 7 2.90 -13.75 7.59
N GLY K 9 0.86 -11.12 5.26
CA GLY K 9 -0.26 -10.32 5.75
C GLY K 9 0.10 -9.41 6.92
N GLY L 1 -8.55 4.94 10.68
CA GLY L 1 -8.27 5.12 12.12
C GLY L 1 -8.42 3.82 12.88
N GLY L 3 -8.88 2.84 16.21
CA GLY L 3 -10.12 3.35 16.85
C GLY L 3 -11.09 3.60 15.70
N GLY L 4 -12.36 3.87 16.02
CA GLY L 4 -13.44 4.04 15.03
C GLY L 4 -13.36 5.45 14.46
N ASN L 5 -13.70 5.57 13.16
CA ASN L 5 -13.77 6.83 12.39
C ASN L 5 -15.23 7.29 12.25
N ASP L 6 -15.41 8.52 11.75
CA ASP L 6 -16.73 9.16 11.49
C ASP L 6 -16.83 9.49 9.99
N ASN L 7 -17.83 8.93 9.31
CA ASN L 7 -18.00 9.16 7.84
C ASN L 7 -19.35 9.87 7.62
N GLY L 9 -20.96 13.70 7.29
CA GLY L 9 -21.10 14.54 8.49
C GLY L 9 -22.48 14.54 9.13
N GLY M 1 -2.58 -2.14 40.51
CA GLY M 1 -3.27 -0.96 39.95
C GLY M 1 -4.78 -1.13 39.89
N GLY M 3 -8.13 1.29 39.45
CA GLY M 3 -8.92 2.29 40.20
C GLY M 3 -10.20 2.96 39.75
N GLY M 4 -11.26 2.88 40.56
CA GLY M 4 -12.56 3.51 40.23
C GLY M 4 -13.65 2.77 39.48
N ASN M 5 -14.32 3.50 38.57
CA ASN M 5 -15.41 2.96 37.71
C ASN M 5 -15.16 3.51 36.30
N ASP M 6 -14.58 2.68 35.43
CA ASP M 6 -14.22 3.16 34.06
C ASP M 6 -15.34 2.75 33.09
N ASN M 7 -15.67 3.68 32.17
CA ASN M 7 -16.74 3.48 31.16
C ASN M 7 -16.11 3.53 29.77
N GLY M 9 -16.01 3.37 26.09
CA GLY M 9 -17.45 3.39 25.75
C GLY M 9 -17.71 4.53 24.79
N GLY N 1 16.11 -20.51 -2.17
CA GLY N 1 15.36 -19.56 -1.34
C GLY N 1 14.38 -20.27 -0.42
N GLY N 3 14.46 -21.46 2.33
CA GLY N 3 15.53 -22.39 2.70
C GLY N 3 16.02 -22.41 4.12
N GLY N 4 15.97 -23.58 4.76
CA GLY N 4 16.45 -23.77 6.14
C GLY N 4 15.32 -24.22 7.06
N ASN N 5 15.64 -24.53 8.33
CA ASN N 5 14.63 -24.98 9.31
C ASN N 5 13.97 -23.76 9.96
N ASP N 6 13.19 -23.00 9.19
CA ASP N 6 12.50 -21.79 9.69
C ASP N 6 11.18 -22.20 10.35
N ASN N 7 10.62 -21.33 11.20
CA ASN N 7 9.37 -21.64 11.95
C ASN N 7 8.64 -20.34 12.34
N GLY N 9 6.39 -17.45 14.16
CA GLY N 9 6.79 -17.62 15.57
C GLY N 9 7.10 -19.01 16.07
N GLY O 1 13.65 -13.12 -20.28
CA GLY O 1 14.96 -13.42 -19.68
C GLY O 1 14.96 -13.15 -18.18
N GLY O 3 12.93 -12.58 -15.52
CA GLY O 3 12.11 -11.33 -15.39
C GLY O 3 10.89 -11.44 -16.26
N GLY O 4 10.63 -10.34 -16.99
CA GLY O 4 9.51 -10.14 -17.92
C GLY O 4 9.73 -8.80 -18.59
N ASN O 5 9.42 -8.69 -19.89
CA ASN O 5 9.68 -7.41 -20.60
C ASN O 5 8.39 -6.59 -20.68
N ASP O 6 8.49 -5.30 -20.37
CA ASP O 6 7.34 -4.37 -20.47
C ASP O 6 7.53 -3.58 -21.77
N ASN O 7 6.75 -3.93 -22.81
CA ASN O 7 6.76 -3.28 -24.14
C ASN O 7 5.45 -2.52 -24.36
N GLY O 9 4.05 0.79 -23.25
CA GLY O 9 3.77 0.99 -21.82
C GLY O 9 4.98 0.70 -20.97
N GLY P 1 1.95 4.62 -5.19
CA GLY P 1 2.11 3.76 -6.38
C GLY P 1 2.09 2.29 -6.00
N GLY P 3 3.37 0.09 -3.68
CA GLY P 3 2.97 0.27 -2.27
C GLY P 3 1.60 0.93 -2.31
N GLY P 4 0.64 0.40 -1.54
CA GLY P 4 -0.74 0.91 -1.44
C GLY P 4 -0.80 2.39 -1.11
N ASN P 5 -1.73 3.11 -1.74
CA ASN P 5 -1.89 4.57 -1.51
C ASN P 5 -2.68 4.79 -0.21
N ASP P 6 -2.63 6.01 0.34
CA ASP P 6 -3.34 6.31 1.61
C ASP P 6 -4.19 7.58 1.44
N ASN P 7 -5.49 7.42 1.18
CA ASN P 7 -6.41 8.58 1.02
C ASN P 7 -7.16 8.78 2.35
N GLY P 9 -7.33 10.97 4.80
CA GLY P 9 -6.16 11.32 5.62
C GLY P 9 -5.32 10.05 5.55
N GLY Q 1 0.75 1.65 -18.50
CA GLY Q 1 1.73 2.72 -18.21
C GLY Q 1 1.12 3.82 -17.34
N GLY Q 3 -2.22 5.04 -16.00
CA GLY Q 3 -3.21 5.66 -16.91
C GLY Q 3 -3.17 4.96 -18.25
N GLY Q 4 -4.32 4.80 -18.91
CA GLY Q 4 -4.39 4.11 -20.20
C GLY Q 4 -3.36 4.61 -21.20
N ASN Q 5 -2.69 3.69 -21.91
CA ASN Q 5 -1.68 4.04 -22.94
C ASN Q 5 -2.40 4.30 -24.27
N ASP Q 6 -1.69 4.84 -25.27
CA ASP Q 6 -2.35 5.12 -26.57
C ASP Q 6 -1.50 4.51 -27.69
N ASN Q 7 -1.75 3.24 -28.04
CA ASN Q 7 -0.98 2.54 -29.11
C ASN Q 7 -1.69 2.63 -30.47
N GLY Q 9 -1.51 4.83 -33.40
CA GLY Q 9 -1.99 6.21 -33.22
C GLY Q 9 -2.64 6.41 -31.87
N GLY R 1 -11.41 10.42 -22.33
CA GLY R 1 -11.19 9.53 -23.50
C GLY R 1 -9.71 9.32 -23.76
N GLY R 3 -7.22 6.39 -23.50
CA GLY R 3 -6.80 5.69 -22.25
C GLY R 3 -7.51 6.27 -21.04
N GLY R 4 -7.93 5.40 -20.12
CA GLY R 4 -8.64 5.82 -18.90
C GLY R 4 -7.70 6.56 -17.95
N ASN R 5 -8.24 6.97 -16.80
CA ASN R 5 -7.47 7.68 -15.74
C ASN R 5 -7.42 6.89 -14.43
N ASP R 6 -6.51 7.26 -13.53
CA ASP R 6 -6.38 6.58 -12.21
C ASP R 6 -6.74 7.58 -11.10
N ASN R 7 -8.00 7.57 -10.65
CA ASN R 7 -8.46 8.49 -9.58
C ASN R 7 -8.59 7.62 -8.33
N GLY R 9 -6.05 5.71 -5.80
CA GLY R 9 -5.19 4.59 -6.24
C GLY R 9 -4.23 4.97 -7.36
N GLY S 1 10.60 -3.26 -10.12
CA GLY S 1 10.85 -2.99 -11.55
C GLY S 1 9.60 -3.18 -12.39
N GLY S 3 8.85 -3.72 -15.76
CA GLY S 3 9.43 -4.94 -16.34
C GLY S 3 9.64 -5.89 -15.17
N GLY S 4 9.97 -7.16 -15.46
CA GLY S 4 10.12 -8.22 -14.45
C GLY S 4 11.49 -8.09 -13.79
N ASN S 5 11.54 -8.40 -12.49
CA ASN S 5 12.76 -8.43 -11.65
C ASN S 5 13.25 -9.87 -11.45
N ASP S 6 14.45 -10.02 -10.88
CA ASP S 6 15.11 -11.31 -10.55
C ASP S 6 15.35 -11.37 -9.03
N ASN S 7 14.79 -12.38 -8.38
CA ASN S 7 14.93 -12.53 -6.90
C ASN S 7 15.66 -13.85 -6.62
N GLY S 9 19.51 -15.33 -6.03
CA GLY S 9 20.43 -15.46 -7.17
C GLY S 9 20.52 -16.85 -7.79
N GLY T 1 5.17 2.14 -40.40
CA GLY T 1 6.33 1.49 -39.76
C GLY T 1 6.20 -0.02 -39.69
N GLY T 3 8.69 -3.30 -39.05
CA GLY T 3 9.76 -4.05 -39.74
C GLY T 3 10.46 -5.31 -39.22
N GLY T 4 10.46 -6.38 -40.02
CA GLY T 4 11.09 -7.65 -39.64
C GLY T 4 10.36 -8.77 -38.92
N ASN T 5 11.04 -9.39 -37.96
CA ASN T 5 10.48 -10.48 -37.12
C ASN T 5 10.93 -10.21 -35.69
N ASP T 6 10.05 -9.64 -34.87
CA ASP T 6 10.43 -9.25 -33.48
C ASP T 6 9.99 -10.37 -32.52
N ASN T 7 10.86 -10.66 -31.55
CA ASN T 7 10.64 -11.72 -30.53
C ASN T 7 10.60 -11.08 -29.15
N GLY T 9 10.21 -10.93 -25.49
CA GLY T 9 10.26 -12.38 -25.14
C GLY T 9 11.33 -12.59 -24.10
N GLY U 1 -16.36 20.71 0.84
CA GLY U 1 -15.34 19.99 0.07
C GLY U 1 -15.96 18.98 -0.88
N GLY U 3 -16.97 18.98 -3.70
CA GLY U 3 -17.93 20.02 -4.13
C GLY U 3 -17.86 20.49 -5.58
N GLY U 4 -19.00 20.39 -6.27
CA GLY U 4 -19.11 20.85 -7.68
C GLY U 4 -19.47 19.70 -8.61
N ASN U 5 -19.71 20.01 -9.89
CA ASN U 5 -20.07 18.96 -10.88
C ASN U 5 -18.80 18.34 -11.45
N ASP U 6 -18.06 17.59 -10.62
CA ASP U 6 -16.80 16.92 -11.04
C ASP U 6 -17.13 15.59 -11.70
N ASN U 7 -16.19 15.05 -12.49
CA ASN U 7 -16.41 13.79 -13.24
C ASN U 7 -15.07 13.09 -13.55
N GLY U 9 -12.01 10.91 -15.15
CA GLY U 9 -12.09 11.29 -16.57
C GLY U 9 -13.47 11.55 -17.17
N GLY V 1 -15.62 11.02 20.52
CA GLY V 1 -15.95 12.35 19.96
C GLY V 1 -15.67 12.41 18.47
N GLY V 3 -14.99 10.49 15.75
CA GLY V 3 -13.72 9.72 15.61
C GLY V 3 -13.79 8.47 16.43
N GLY V 4 -12.70 8.22 17.16
CA GLY V 4 -12.48 7.07 18.06
C GLY V 4 -11.16 7.31 18.76
N ASN V 5 -11.06 6.96 20.05
CA ASN V 5 -9.80 7.24 20.79
C ASN V 5 -8.94 5.97 20.83
N ASP V 6 -7.64 6.12 20.54
CA ASP V 6 -6.67 4.99 20.64
C ASP V 6 -5.91 5.16 21.95
N ASN V 7 -6.26 4.33 22.94
CA ASN V 7 -5.61 4.32 24.29
C ASN V 7 -4.82 3.02 24.47
N GLY V 9 -1.46 1.77 23.37
CA GLY V 9 -1.22 1.54 21.93
C GLY V 9 -1.54 2.79 21.11
N GLY W 1 2.71 0.44 5.30
CA GLY W 1 1.82 0.54 6.48
C GLY W 1 0.35 0.49 6.09
N GLY W 3 -1.85 1.78 3.77
CA GLY W 3 -1.64 1.42 2.36
C GLY W 3 -0.93 0.09 2.35
N GLY W 4 -1.42 -0.86 1.55
CA GLY W 4 -0.87 -2.22 1.40
C GLY W 4 0.62 -2.21 1.10
N ASN W 5 1.37 -3.15 1.69
CA ASN W 5 2.84 -3.26 1.48
C ASN W 5 3.09 -3.99 0.16
N ASP W 6 4.31 -3.88 -0.37
CA ASP W 6 4.66 -4.54 -1.65
C ASP W 6 5.95 -5.35 -1.50
N ASN W 7 5.83 -6.66 -1.28
CA ASN W 7 7.02 -7.54 -1.15
C ASN W 7 7.26 -8.25 -2.49
N GLY W 9 9.49 -8.26 -4.91
CA GLY W 9 9.80 -7.05 -5.69
C GLY W 9 8.52 -6.25 -5.60
N GLY X 1 -0.41 -1.34 18.52
CA GLY X 1 0.63 -0.31 18.27
C GLY X 1 1.74 -0.84 17.40
N GLY X 3 3.10 -4.09 15.96
CA GLY X 3 3.74 -5.10 16.83
C GLY X 3 3.03 -5.13 18.17
N GLY X 4 2.88 -6.31 18.78
CA GLY X 4 2.17 -6.45 20.07
C GLY X 4 2.64 -5.44 21.11
N ASN X 5 1.68 -4.83 21.82
CA ASN X 5 1.98 -3.85 22.91
C ASN X 5 2.25 -4.61 24.21
N ASP X 6 2.74 -3.91 25.23
CA ASP X 6 3.03 -4.61 26.52
C ASP X 6 2.38 -3.82 27.66
N ASN X 7 1.12 -4.12 27.98
CA ASN X 7 0.38 -3.42 29.06
C ASN X 7 0.47 -4.17 30.40
N GLY X 9 2.61 -4.02 33.36
CA GLY X 9 4.01 -4.45 33.20
C GLY X 9 4.26 -5.05 31.83
N GLY Y 1 8.68 -13.33 22.04
CA GLY Y 1 7.78 -13.20 23.20
C GLY Y 1 7.50 -11.73 23.51
N GLY Y 3 4.50 -9.32 23.29
CA GLY Y 3 3.82 -8.89 22.05
C GLY Y 3 4.42 -9.53 20.82
N GLY Y 4 3.58 -9.94 19.87
CA GLY Y 4 4.04 -10.59 18.63
C GLY Y 4 4.77 -9.60 17.73
N ASN Y 5 5.21 -10.08 16.56
CA ASN Y 5 5.91 -9.26 15.55
C ASN Y 5 5.14 -9.18 14.24
N ASP Y 6 5.49 -8.22 13.37
CA ASP Y 6 4.83 -8.07 12.05
C ASP Y 6 5.85 -8.35 10.94
N ASN Y 7 5.89 -9.59 10.45
CA ASN Y 7 6.84 -9.99 9.37
C ASN Y 7 5.99 -10.11 8.11
N GLY Y 9 4.03 -7.54 5.65
CA GLY Y 9 2.89 -6.72 6.10
C GLY Y 9 3.22 -5.79 7.25
N GLY Z 1 -5.52 8.65 10.41
CA GLY Z 1 -5.28 8.86 11.86
C GLY Z 1 -5.45 7.57 12.65
N GLY Z 3 -6.01 6.68 15.98
CA GLY Z 3 -7.26 7.21 16.57
C GLY Z 3 -8.20 7.44 15.38
N GLY Z 4 -9.48 7.71 15.67
CA GLY Z 4 -10.53 7.87 14.64
C GLY Z 4 -10.43 9.26 14.04
N ASN Z 5 -10.73 9.34 12.74
CA ASN Z 5 -10.78 10.59 11.94
C ASN Z 5 -12.24 11.04 11.74
N ASP Z 6 -12.41 12.26 11.20
CA ASP Z 6 -13.71 12.90 10.89
C ASP Z 6 -13.76 13.18 9.38
N ASN Z 7 -14.76 12.61 8.68
CA ASN Z 7 -14.89 12.81 7.21
C ASN Z 7 -16.22 13.51 6.93
N GLY Z 9 -17.82 17.33 6.46
CA GLY Z 9 -17.99 18.20 7.64
C GLY Z 9 -19.39 18.22 8.24
N GLY AA 1 -0.38 2.30 40.56
CA GLY AA 1 -1.06 3.46 39.95
C GLY AA 1 -2.57 3.29 39.86
N GLY AA 3 -5.92 5.70 39.26
CA GLY AA 3 -6.72 6.71 39.97
C GLY AA 3 -7.98 7.39 39.46
N GLY AA 4 -9.06 7.32 40.25
CA GLY AA 4 -10.35 7.94 39.87
C GLY AA 4 -11.43 7.20 39.09
N ASN AA 5 -12.06 7.89 38.16
CA ASN AA 5 -13.13 7.34 37.28
C ASN AA 5 -12.85 7.85 35.86
N ASP AA 6 -12.24 7.01 35.02
CA ASP AA 6 -11.84 7.45 33.66
C ASP AA 6 -12.93 7.02 32.67
N ASN AA 7 -13.24 7.92 31.73
CA ASN AA 7 -14.28 7.69 30.68
C ASN AA 7 -13.61 7.72 29.31
N GLY AA 9 -13.40 7.46 25.64
CA GLY AA 9 -14.84 7.47 25.26
C GLY AA 9 -15.07 8.58 24.26
N GLY BA 1 19.46 -17.12 -1.13
CA GLY BA 1 18.69 -16.15 -0.33
C GLY BA 1 17.68 -16.83 0.57
N GLY BA 3 17.68 -17.95 3.35
CA GLY BA 3 18.74 -18.88 3.77
C GLY BA 3 19.19 -18.86 5.22
N GLY BA 4 19.12 -20.02 5.88
CA GLY BA 4 19.57 -20.18 7.28
C GLY BA 4 18.42 -20.60 8.17
N ASN BA 5 18.70 -20.87 9.46
CA ASN BA 5 17.66 -21.31 10.41
C ASN BA 5 16.98 -20.07 11.02
N ASP BA 6 16.22 -19.33 10.21
CA ASP BA 6 15.51 -18.10 10.66
C ASP BA 6 14.18 -18.50 11.29
N ASN BA 7 13.61 -17.60 12.11
CA ASN BA 7 12.34 -17.89 12.83
C ASN BA 7 11.59 -16.59 13.16
N GLY BA 9 9.30 -13.66 14.85
CA GLY BA 9 9.66 -13.78 16.28
C GLY BA 9 9.95 -15.17 16.82
N GLY CA 1 17.52 -10.16 -19.50
CA GLY CA 1 18.82 -10.43 -18.87
C GLY CA 1 18.78 -10.15 -17.37
N GLY CA 3 16.69 -9.49 -14.79
CA GLY CA 3 15.86 -8.25 -14.70
C GLY CA 3 14.66 -8.37 -15.60
N GLY CA 4 14.42 -7.30 -16.36
CA GLY CA 4 13.33 -7.12 -17.33
C GLY CA 4 13.57 -5.80 -18.03
N ASN CA 5 13.30 -5.72 -19.33
CA ASN CA 5 13.58 -4.46 -20.08
C ASN CA 5 12.29 -3.64 -20.20
N ASP CA 6 12.38 -2.34 -19.91
CA ASP CA 6 11.23 -1.41 -20.08
C ASP CA 6 11.45 -0.65 -21.39
N ASN CA 7 10.70 -1.04 -22.43
CA ASN CA 7 10.75 -0.40 -23.78
C ASN CA 7 9.43 0.35 -24.06
N GLY CA 9 8.01 3.67 -23.07
CA GLY CA 9 7.70 3.92 -21.66
C GLY CA 9 8.90 3.64 -20.76
N GLY DA 1 5.45 7.96 -5.17
CA GLY DA 1 5.65 7.06 -6.33
C GLY DA 1 5.62 5.61 -5.92
N GLY DA 3 6.84 3.47 -3.51
CA GLY DA 3 6.39 3.67 -2.11
C GLY DA 3 5.03 4.35 -2.20
N GLY DA 4 4.06 3.83 -1.45
CA GLY DA 4 2.68 4.34 -1.40
C GLY DA 4 2.61 5.83 -1.11
N ASN DA 5 1.69 6.54 -1.77
CA ASN DA 5 1.53 8.00 -1.59
C ASN DA 5 0.71 8.25 -0.31
N ASP DA 6 0.74 9.49 0.21
CA ASP DA 6 -0.01 9.81 1.45
C ASP DA 6 -0.84 11.08 1.24
N ASN DA 7 -2.13 10.92 0.93
CA ASN DA 7 -3.05 12.08 0.74
C ASN DA 7 -3.84 12.31 2.03
N GLY DA 9 -4.07 14.56 4.42
CA GLY DA 9 -2.91 14.92 5.26
C GLY DA 9 -2.08 13.66 5.24
N GLY EA 1 4.59 4.67 -18.42
CA GLY EA 1 5.57 5.74 -18.14
C GLY EA 1 4.94 6.85 -17.31
N GLY EA 3 1.56 8.11 -16.09
CA GLY EA 3 0.60 8.71 -17.03
C GLY EA 3 0.68 7.98 -18.35
N GLY EA 4 -0.46 7.80 -19.03
CA GLY EA 4 -0.49 7.07 -20.32
C GLY EA 4 0.55 7.55 -21.31
N ASN EA 5 1.24 6.61 -21.97
CA ASN EA 5 2.27 6.94 -22.99
C ASN EA 5 1.59 7.18 -24.33
N ASP EA 6 2.33 7.67 -25.33
CA ASP EA 6 1.72 7.93 -26.66
C ASP EA 6 2.58 7.29 -27.74
N ASN EA 7 2.35 6.01 -28.07
CA ASN EA 7 3.14 5.28 -29.09
C ASN EA 7 2.46 5.34 -30.47
N GLY EA 9 2.72 7.46 -33.45
CA GLY EA 9 2.25 8.85 -33.32
C GLY EA 9 1.55 9.09 -32.00
N GLY FA 1 -7.46 13.33 -22.79
CA GLY FA 1 -7.21 12.42 -23.93
C GLY FA 1 -5.73 12.19 -24.14
N GLY FA 3 -3.23 9.27 -23.73
CA GLY FA 3 -2.85 8.61 -22.47
C GLY FA 3 -3.59 9.20 -21.28
N GLY FA 4 -4.04 8.35 -20.36
CA GLY FA 4 -4.78 8.82 -19.16
C GLY FA 4 -3.87 9.58 -18.21
N ASN FA 5 -4.43 10.01 -17.08
CA ASN FA 5 -3.69 10.76 -16.02
C ASN FA 5 -3.67 9.99 -14.70
N ASP FA 6 -2.78 10.39 -13.77
CA ASP FA 6 -2.69 9.75 -12.44
C ASP FA 6 -3.07 10.76 -11.37
N ASN FA 7 -4.34 10.77 -10.96
CA ASN FA 7 -4.84 11.72 -9.92
C ASN FA 7 -5.00 10.89 -8.65
N GLY FA 9 -2.53 9.03 -6.02
CA GLY FA 9 -1.65 7.90 -6.40
C GLY FA 9 -0.66 8.26 -7.49
N GLY GA 1 14.23 -0.05 -9.68
CA GLY GA 1 14.51 0.19 -11.11
C GLY GA 1 13.28 -0.02 -11.97
N GLY GA 3 12.62 -0.65 -15.35
CA GLY GA 3 13.21 -1.88 -15.89
C GLY GA 3 13.39 -2.80 -14.69
N GLY GA 4 13.72 -4.08 -14.93
CA GLY GA 4 13.85 -5.12 -13.89
C GLY GA 4 15.20 -4.96 -13.20
N ASN GA 5 15.22 -5.25 -11.89
CA ASN GA 5 16.42 -5.25 -11.02
C ASN GA 5 16.90 -6.68 -10.78
N ASP GA 6 18.08 -6.82 -10.16
CA ASP GA 6 18.75 -8.10 -9.79
C ASP GA 6 18.93 -8.13 -8.27
N ASN GA 7 18.36 -9.13 -7.60
CA ASN GA 7 18.47 -9.24 -6.12
C ASN GA 7 19.19 -10.55 -5.78
N GLY GA 9 23.03 -12.02 -5.07
CA GLY GA 9 23.97 -12.17 -6.18
C GLY GA 9 24.07 -13.57 -6.76
N GLY HA 1 9.57 4.60 -40.21
CA GLY HA 1 10.71 3.97 -39.52
C GLY HA 1 10.58 2.46 -39.42
N GLY HA 3 13.05 -0.81 -38.64
CA GLY HA 3 14.14 -1.58 -39.28
C GLY HA 3 14.82 -2.82 -38.72
N GLY HA 4 14.84 -3.91 -39.49
CA GLY HA 4 15.46 -5.17 -39.06
C GLY HA 4 14.71 -6.27 -38.33
N ASN HA 5 15.37 -6.87 -37.33
CA ASN HA 5 14.79 -7.94 -36.48
C ASN HA 5 15.20 -7.63 -35.04
N ASP HA 6 14.29 -7.04 -34.26
CA ASP HA 6 14.64 -6.62 -32.88
C ASP HA 6 14.19 -7.71 -31.90
N ASN HA 7 15.04 -7.98 -30.91
CA ASN HA 7 14.78 -9.02 -29.87
C ASN HA 7 14.70 -8.34 -28.50
N GLY HA 9 14.22 -8.11 -24.86
CA GLY HA 9 14.25 -9.54 -24.47
C GLY HA 9 15.31 -9.72 -23.39
N GLY IA 1 -12.99 24.20 -0.01
CA GLY IA 1 -11.94 23.46 -0.74
C GLY IA 1 -12.54 22.43 -1.67
N GLY IA 3 -13.49 22.36 -4.52
CA GLY IA 3 -14.42 23.39 -5.00
C GLY IA 3 -14.33 23.81 -6.45
N GLY IA 4 -15.44 23.70 -7.18
CA GLY IA 4 -15.52 24.14 -8.59
C GLY IA 4 -15.86 22.96 -9.50
N ASN IA 5 -16.06 23.22 -10.79
CA ASN IA 5 -16.41 22.15 -11.77
C ASN IA 5 -15.11 21.51 -12.29
N ASP IA 6 -14.40 20.79 -11.43
CA ASP IA 6 -13.12 20.11 -11.79
C ASP IA 6 -13.43 18.76 -12.43
N ASN IA 7 -12.48 18.21 -13.18
CA ASN IA 7 -12.68 16.92 -13.90
C ASN IA 7 -11.34 16.22 -14.16
N GLY IA 9 -8.23 14.01 -15.63
CA GLY IA 9 -8.28 14.35 -17.07
C GLY IA 9 -9.64 14.59 -17.69
N GLY JA 1 -12.76 15.00 19.93
CA GLY JA 1 -13.06 16.32 19.32
C GLY JA 1 -12.75 16.34 17.84
N GLY JA 3 -12.00 14.35 15.18
CA GLY JA 3 -10.73 13.57 15.09
C GLY JA 3 -10.82 12.34 15.94
N GLY JA 4 -9.75 12.11 16.71
CA GLY JA 4 -9.56 10.99 17.65
C GLY JA 4 -8.25 11.24 18.37
N ASN JA 5 -8.18 10.93 19.67
CA ASN JA 5 -6.95 11.23 20.44
C ASN JA 5 -6.09 9.95 20.53
N ASP JA 6 -4.78 10.09 20.27
CA ASP JA 6 -3.82 8.96 20.41
C ASP JA 6 -3.09 9.17 21.74
N ASN JA 7 -3.46 8.37 22.75
CA ASN JA 7 -2.85 8.38 24.11
C ASN JA 7 -2.06 7.09 24.35
N GLY JA 9 1.32 5.81 23.36
CA GLY JA 9 1.60 5.55 21.93
C GLY JA 9 1.29 6.78 21.08
N GLY KA 1 5.94 4.03 5.44
CA GLY KA 1 5.03 4.16 6.60
C GLY KA 1 3.58 4.11 6.17
N GLY KA 3 1.43 5.34 3.77
CA GLY KA 3 1.68 4.95 2.36
C GLY KA 3 2.38 3.61 2.41
N GLY KA 4 1.91 2.64 1.61
CA GLY KA 4 2.47 1.28 1.52
C GLY KA 4 3.96 1.27 1.25
N ASN KA 5 4.69 0.36 1.89
CA ASN KA 5 6.16 0.24 1.72
C ASN KA 5 6.46 -0.52 0.42
N ASP KA 6 7.70 -0.43 -0.07
CA ASP KA 6 8.06 -1.12 -1.33
C ASP KA 6 9.35 -1.92 -1.14
N ASN KA 7 9.23 -3.23 -0.88
CA ASN KA 7 10.41 -4.11 -0.70
C ASN KA 7 10.68 -4.85 -2.02
N GLY KA 9 12.98 -4.92 -4.37
CA GLY KA 9 13.32 -3.73 -5.18
C GLY KA 9 12.03 -2.92 -5.14
N GLY LA 1 2.49 2.60 18.61
CA GLY LA 1 3.53 3.62 18.37
C GLY LA 1 4.68 3.05 17.54
N GLY LA 3 6.06 -0.24 16.22
CA GLY LA 3 6.68 -1.21 17.13
C GLY LA 3 5.92 -1.21 18.45
N GLY LA 4 5.77 -2.38 19.08
CA GLY LA 4 5.03 -2.48 20.36
C GLY LA 4 5.46 -1.45 21.39
N ASN LA 5 4.49 -0.81 22.06
CA ASN LA 5 4.77 0.19 23.12
C ASN LA 5 5.01 -0.53 24.44
N ASP LA 6 5.47 0.18 25.47
CA ASP LA 6 5.73 -0.48 26.78
C ASP LA 6 5.05 0.33 27.90
N ASN LA 7 3.78 0.04 28.18
CA ASN LA 7 3.01 0.78 29.22
C ASN LA 7 3.07 0.05 30.58
N GLY LA 9 5.13 0.27 33.59
CA GLY LA 9 6.54 -0.15 33.48
C GLY LA 9 6.82 -0.80 32.13
N GLY MA 1 11.48 -9.32 22.67
CA GLY MA 1 10.55 -9.14 23.80
C GLY MA 1 10.26 -7.68 24.06
N GLY MA 3 7.27 -5.27 23.71
CA GLY MA 3 6.62 -4.87 22.44
C GLY MA 3 7.25 -5.54 21.24
N GLY MA 4 6.44 -5.98 20.28
CA GLY MA 4 6.93 -6.66 19.07
C GLY MA 4 7.67 -5.69 18.16
N ASN MA 5 8.15 -6.19 17.02
CA ASN MA 5 8.87 -5.40 16.01
C ASN MA 5 8.14 -5.36 14.67
N ASP MA 6 8.52 -4.42 13.79
CA ASP MA 6 7.88 -4.31 12.44
C ASP MA 6 8.94 -4.61 11.38
N ASN MA 7 8.98 -5.87 10.91
CA ASN MA 7 9.96 -6.29 9.88
C ASN MA 7 9.15 -6.44 8.59
N GLY MA 9 7.26 -3.93 6.01
CA GLY MA 9 6.10 -3.11 6.41
C GLY MA 9 6.40 -2.14 7.55
N GLY NA 1 -2.40 12.38 10.15
CA GLY NA 1 -2.20 12.62 11.58
C GLY NA 1 -2.39 11.36 12.40
N GLY NA 3 -3.04 10.55 15.73
CA GLY NA 3 -4.30 11.09 16.27
C GLY NA 3 -5.21 11.29 15.06
N GLY NA 4 -6.49 11.56 15.31
CA GLY NA 4 -7.52 11.70 14.26
C GLY NA 4 -7.40 13.07 13.62
N ASN NA 5 -7.67 13.13 12.31
CA ASN NA 5 -7.70 14.35 11.48
C ASN NA 5 -9.15 14.80 11.23
N ASP NA 6 -9.30 16.00 10.66
CA ASP NA 6 -10.60 16.64 10.29
C ASP NA 6 -10.62 16.88 8.78
N ASN NA 7 -11.59 16.29 8.07
CA ASN NA 7 -11.68 16.45 6.60
C ASN NA 7 -13.01 17.15 6.27
N GLY NA 9 -14.59 20.96 5.66
CA GLY NA 9 -14.79 21.86 6.81
C GLY NA 9 -16.20 21.90 7.37
N GLY OA 1 1.96 6.77 40.55
CA GLY OA 1 1.30 7.92 39.90
C GLY OA 1 -0.20 7.75 39.77
N GLY OA 3 -3.53 10.15 39.03
CA GLY OA 3 -4.35 11.18 39.70
C GLY OA 3 -5.61 11.83 39.14
N GLY OA 4 -6.70 11.79 39.90
CA GLY OA 4 -7.98 12.40 39.47
C GLY OA 4 -9.05 11.63 38.69
N ASN OA 5 -9.65 12.31 37.71
CA ASN OA 5 -10.69 11.72 36.82
C ASN OA 5 -10.38 12.20 35.40
N ASP OA 6 -9.75 11.34 34.60
CA ASP OA 6 -9.32 11.75 33.24
C ASP OA 6 -10.37 11.30 32.23
N ASN OA 7 -10.66 12.17 31.26
CA ASN OA 7 -11.67 11.92 30.20
C ASN OA 7 -10.97 11.91 28.83
N GLY OA 9 -10.67 11.57 25.19
CA GLY OA 9 -12.10 11.57 24.77
C GLY OA 9 -12.30 12.66 23.74
N GLY PA 1 22.84 -13.68 -0.12
CA GLY PA 1 22.05 -12.69 0.63
C GLY PA 1 21.03 -13.35 1.53
N GLY PA 3 20.95 -14.39 4.33
CA GLY PA 3 22.00 -15.32 4.80
C GLY PA 3 22.41 -15.26 6.25
N GLY PA 4 22.32 -16.40 6.94
CA GLY PA 4 22.73 -16.52 8.36
C GLY PA 4 21.55 -16.93 9.24
N ASN PA 5 21.81 -17.17 10.53
CA ASN PA 5 20.74 -17.58 11.47
C ASN PA 5 20.05 -16.33 12.03
N ASP PA 6 19.31 -15.61 11.18
CA ASP PA 6 18.60 -14.37 11.58
C ASP PA 6 17.25 -14.75 12.19
N ASN PA 7 16.65 -13.84 12.97
CA ASN PA 7 15.36 -14.11 13.66
C ASN PA 7 14.62 -12.80 13.95
N GLY PA 9 12.27 -9.81 15.50
CA GLY PA 9 12.60 -9.91 16.94
C GLY PA 9 12.88 -11.29 17.52
#